data_9KTX
#
_entry.id   9KTX
#
loop_
_entity.id
_entity.type
_entity.pdbx_description
1 polymer 'Sodium- and chloride-dependent taurine transporter'
2 non-polymer Taurocyamine
3 non-polymer 'CHLORIDE ION'
4 water water
#
_entity_poly.entity_id   1
_entity_poly.type   'polypeptide(L)'
_entity_poly.pdbx_seq_one_letter_code
;MATKEKLQCLKDFHKDILKPSPGKSPGTRPEDEAEGKPPQREKWSSKIDFVLSVAGGFVGLGNVWRFPYLCYKNGGGAFL
IPYFIFLFGSGLPVFFLEIIIGQYTSEGGITCWEKICPLFSGIGYASVVIVSLLNVYYIVILAWATYYLFQSFQKELPWA
HCNHSWNTPHCMEDTMRKNKSVWITISSTNFTSPVIEFWERNVLSLSPGIDHPGSLKWDLALCLLLVWLVCFFCIWKGVR
STGKVVYFTATFPFAMLLVLLVRGLTLPGAGAGIKFYLYPDITRLEDPQVWIDAGTQIFFSYAICLGAMTSLGSYNKYKY
NSYRDCMLLGCLNSGTSFVSGFAIFSILGFMAQEQGVDIADVAESGPGLAFIAYPKAVTMMPLPTFWSILFFIMLLLLGL
DSQFVEVEGQITSLVDLYPSFLRKGYRREIFIAFVCSISYLLGLTMVTEGGMYVFQLFDYYAASGVCLLWVAFFECFVIA
WIYGGDNLYDGIEDMIGYRPGPWMKYSWAVITPVLCVGCFIFSLVKYVPLTYNKTYVYPNWAIGLGWSLALSSMLCVPLV
IVIRLCQTEGPFLVRVKYLLTPREPNRWAVEREGATPYNSRTVMNGALVKPTHIIVETMM
;
_entity_poly.pdbx_strand_id   A
#
loop_
_chem_comp.id
_chem_comp.type
_chem_comp.name
_chem_comp.formula
3S5 non-polymer Taurocyamine 'C3 H9 N3 O3 S'
CL non-polymer 'CHLORIDE ION' 'Cl -1'
#
# COMPACT_ATOMS: atom_id res chain seq x y z
N ILE A 48 1.95 28.67 -5.31
CA ILE A 48 0.56 28.58 -4.86
C ILE A 48 0.19 27.14 -4.57
N ASP A 49 1.19 26.35 -4.19
CA ASP A 49 1.02 24.92 -3.87
C ASP A 49 0.40 24.16 -5.04
N PHE A 50 0.80 24.53 -6.26
CA PHE A 50 0.30 23.84 -7.44
C PHE A 50 0.76 22.39 -7.46
N VAL A 51 2.01 22.13 -7.10
CA VAL A 51 2.51 20.76 -7.05
C VAL A 51 1.78 19.98 -5.96
N LEU A 52 1.52 20.62 -4.82
CA LEU A 52 0.79 19.96 -3.74
C LEU A 52 -0.62 19.58 -4.18
N SER A 53 -1.30 20.49 -4.88
CA SER A 53 -2.63 20.17 -5.38
C SER A 53 -2.58 19.06 -6.43
N VAL A 54 -1.61 19.11 -7.33
CA VAL A 54 -1.45 18.06 -8.33
C VAL A 54 -1.13 16.73 -7.66
N ALA A 55 -0.24 16.76 -6.66
CA ALA A 55 0.12 15.58 -5.88
C ALA A 55 -0.74 15.44 -4.63
N GLY A 56 -1.97 15.94 -4.66
CA GLY A 56 -2.86 15.85 -3.52
C GLY A 56 -3.42 14.46 -3.31
N GLY A 57 -3.19 13.59 -4.29
CA GLY A 57 -3.59 12.20 -4.19
C GLY A 57 -2.70 11.34 -3.32
N PHE A 58 -1.95 11.94 -2.40
CA PHE A 58 -1.12 11.15 -1.50
C PHE A 58 -1.98 10.28 -0.59
N VAL A 59 -3.10 10.79 -0.12
CA VAL A 59 -4.01 10.00 0.69
C VAL A 59 -4.66 8.93 -0.18
N GLY A 60 -4.64 7.69 0.31
CA GLY A 60 -5.22 6.59 -0.44
C GLY A 60 -5.83 5.57 0.51
N LEU A 61 -6.06 4.37 -0.03
CA LEU A 61 -6.60 3.29 0.79
C LEU A 61 -5.62 2.82 1.86
N GLY A 62 -4.33 3.08 1.69
CA GLY A 62 -3.38 2.70 2.72
C GLY A 62 -3.49 3.57 3.96
N ASN A 63 -4.01 4.79 3.80
CA ASN A 63 -4.17 5.70 4.93
C ASN A 63 -5.53 5.58 5.59
N VAL A 64 -6.55 5.17 4.85
CA VAL A 64 -7.91 5.14 5.35
C VAL A 64 -8.30 3.73 5.77
N TRP A 65 -7.77 2.73 5.07
CA TRP A 65 -8.17 1.36 5.30
C TRP A 65 -7.09 0.51 5.95
N ARG A 66 -5.88 0.48 5.40
CA ARG A 66 -4.86 -0.45 5.89
C ARG A 66 -4.28 0.01 7.22
N PHE A 67 -4.01 1.30 7.36
CA PHE A 67 -3.38 1.81 8.58
C PHE A 67 -4.22 1.55 9.83
N PRO A 68 -5.51 1.90 9.86
CA PRO A 68 -6.30 1.63 11.06
C PRO A 68 -6.38 0.15 11.41
N TYR A 69 -6.49 -0.73 10.40
CA TYR A 69 -6.62 -2.15 10.69
C TYR A 69 -5.30 -2.72 11.21
N LEU A 70 -4.18 -2.27 10.65
CA LEU A 70 -2.88 -2.70 11.16
C LEU A 70 -2.65 -2.19 12.58
N CYS A 71 -3.03 -0.94 12.86
CA CYS A 71 -2.87 -0.39 14.20
C CYS A 71 -3.74 -1.13 15.21
N TYR A 72 -4.99 -1.40 14.83
CA TYR A 72 -5.91 -2.12 15.71
C TYR A 72 -5.44 -3.55 15.95
N LYS A 73 -4.90 -4.20 14.92
CA LYS A 73 -4.40 -5.56 15.07
C LYS A 73 -3.23 -5.63 16.04
N ASN A 74 -2.34 -4.64 16.00
CA ASN A 74 -1.12 -4.64 16.80
C ASN A 74 -1.29 -3.94 18.14
N GLY A 75 -2.52 -3.87 18.66
CA GLY A 75 -2.76 -3.40 20.00
C GLY A 75 -3.02 -1.92 20.14
N GLY A 76 -2.80 -1.13 19.08
CA GLY A 76 -3.10 0.28 19.14
C GLY A 76 -1.89 1.18 19.29
N GLY A 77 -1.69 1.71 20.49
CA GLY A 77 -0.63 2.69 20.70
C GLY A 77 0.77 2.17 20.46
N ALA A 78 0.99 0.87 20.71
CA ALA A 78 2.32 0.29 20.50
C ALA A 78 2.69 0.30 19.02
N PHE A 79 1.71 0.39 18.14
CA PHE A 79 1.98 0.39 16.70
C PHE A 79 2.63 1.69 16.25
N LEU A 80 2.41 2.78 16.99
CA LEU A 80 2.83 4.09 16.52
C LEU A 80 4.34 4.29 16.66
N ILE A 81 4.95 3.69 17.68
CA ILE A 81 6.38 3.89 17.94
C ILE A 81 7.21 3.36 16.78
N PRO A 82 7.08 2.10 16.34
CA PRO A 82 7.80 1.68 15.14
C PRO A 82 7.38 2.44 13.90
N TYR A 83 6.12 2.87 13.83
CA TYR A 83 5.64 3.64 12.69
C TYR A 83 6.44 4.92 12.54
N PHE A 84 6.64 5.65 13.63
CA PHE A 84 7.39 6.91 13.57
C PHE A 84 8.89 6.66 13.49
N ILE A 85 9.37 5.55 14.05
CA ILE A 85 10.80 5.23 13.90
C ILE A 85 11.14 4.94 12.45
N PHE A 86 10.31 4.18 11.75
CA PHE A 86 10.49 3.94 10.33
C PHE A 86 10.13 5.13 9.47
N LEU A 87 9.30 6.05 9.97
CA LEU A 87 8.91 7.21 9.18
C LEU A 87 10.08 8.16 8.94
N PHE A 88 10.86 8.44 9.98
CA PHE A 88 11.96 9.39 9.89
C PHE A 88 13.31 8.71 9.76
N GLY A 89 13.34 7.38 9.70
CA GLY A 89 14.61 6.69 9.57
C GLY A 89 14.75 5.93 8.27
N SER A 90 13.65 5.40 7.76
CA SER A 90 13.70 4.71 6.48
C SER A 90 12.48 4.94 5.60
N GLY A 91 11.50 5.74 6.01
CA GLY A 91 10.36 6.00 5.17
C GLY A 91 10.57 7.17 4.24
N LEU A 92 10.83 8.34 4.82
CA LEU A 92 11.17 9.51 4.01
C LEU A 92 12.47 9.37 3.24
N PRO A 93 13.57 8.87 3.84
CA PRO A 93 14.81 8.71 3.06
C PRO A 93 14.69 7.82 1.84
N VAL A 94 13.95 6.70 1.91
CA VAL A 94 13.82 5.83 0.75
C VAL A 94 12.95 6.49 -0.32
N PHE A 95 11.89 7.18 0.10
CA PHE A 95 11.06 7.94 -0.83
C PHE A 95 11.90 8.98 -1.58
N PHE A 96 12.70 9.76 -0.84
CA PHE A 96 13.55 10.76 -1.46
C PHE A 96 14.59 10.11 -2.36
N LEU A 97 15.12 8.96 -1.94
CA LEU A 97 16.12 8.26 -2.74
C LEU A 97 15.54 7.83 -4.09
N GLU A 98 14.33 7.27 -4.07
CA GLU A 98 13.70 6.84 -5.31
C GLU A 98 13.41 8.04 -6.22
N ILE A 99 12.89 9.12 -5.63
CA ILE A 99 12.62 10.31 -6.44
C ILE A 99 13.91 10.86 -7.04
N ILE A 100 14.99 10.86 -6.27
CA ILE A 100 16.26 11.41 -6.74
C ILE A 100 16.85 10.52 -7.83
N ILE A 101 16.76 9.20 -7.66
CA ILE A 101 17.25 8.30 -8.70
C ILE A 101 16.49 8.52 -10.00
N GLY A 102 15.16 8.65 -9.90
CA GLY A 102 14.38 8.93 -11.10
C GLY A 102 14.75 10.24 -11.75
N GLN A 103 14.88 11.31 -10.94
CA GLN A 103 15.18 12.63 -11.49
C GLN A 103 16.58 12.71 -12.06
N TYR A 104 17.52 11.94 -11.50
CA TYR A 104 18.91 12.01 -11.91
C TYR A 104 19.15 11.15 -13.15
N THR A 105 18.76 9.88 -13.10
CA THR A 105 18.96 8.99 -14.23
C THR A 105 17.98 9.28 -15.37
N SER A 106 16.87 9.96 -15.08
CA SER A 106 15.84 10.25 -16.08
C SER A 106 15.33 8.96 -16.73
N GLU A 107 15.19 7.91 -15.92
CA GLU A 107 14.78 6.61 -16.40
C GLU A 107 13.74 6.01 -15.45
N GLY A 108 13.06 4.99 -15.94
CA GLY A 108 11.98 4.36 -15.20
C GLY A 108 12.46 3.49 -14.06
N GLY A 109 11.66 2.47 -13.73
CA GLY A 109 11.97 1.64 -12.59
C GLY A 109 13.20 0.77 -12.79
N ILE A 110 13.39 0.25 -14.00
CA ILE A 110 14.44 -0.73 -14.24
C ILE A 110 15.67 -0.10 -14.88
N THR A 111 15.48 0.78 -15.86
CA THR A 111 16.62 1.42 -16.51
C THR A 111 17.40 2.31 -15.56
N CYS A 112 16.73 2.84 -14.52
CA CYS A 112 17.45 3.64 -13.53
C CYS A 112 18.49 2.80 -12.81
N TRP A 113 18.14 1.58 -12.43
CA TRP A 113 19.12 0.69 -11.82
C TRP A 113 20.10 0.15 -12.85
N GLU A 114 19.68 0.00 -14.10
CA GLU A 114 20.62 -0.34 -15.16
C GLU A 114 21.71 0.69 -15.31
N LYS A 115 21.40 1.96 -15.06
CA LYS A 115 22.39 3.04 -15.11
C LYS A 115 23.19 3.18 -13.81
N ILE A 116 22.51 3.17 -12.66
CA ILE A 116 23.19 3.39 -11.39
C ILE A 116 24.17 2.25 -11.11
N CYS A 117 23.69 1.01 -11.19
CA CYS A 117 24.50 -0.16 -10.90
C CYS A 117 23.94 -1.37 -11.64
N PRO A 118 24.51 -1.76 -12.78
CA PRO A 118 23.92 -2.86 -13.55
C PRO A 118 23.81 -4.17 -12.79
N LEU A 119 24.79 -4.51 -11.95
CA LEU A 119 24.79 -5.80 -11.27
C LEU A 119 23.54 -5.97 -10.41
N PHE A 120 23.18 -4.95 -9.64
CA PHE A 120 21.93 -4.97 -8.90
C PHE A 120 20.80 -4.33 -9.70
N SER A 121 20.65 -4.77 -10.95
CA SER A 121 19.50 -4.36 -11.76
C SER A 121 18.22 -5.10 -11.38
N GLY A 122 18.34 -6.34 -10.91
CA GLY A 122 17.18 -7.15 -10.60
C GLY A 122 16.24 -6.53 -9.59
N ILE A 123 16.75 -5.62 -8.76
CA ILE A 123 15.89 -4.85 -7.87
C ILE A 123 14.67 -4.34 -8.62
N GLY A 124 14.90 -3.66 -9.76
CA GLY A 124 13.79 -3.16 -10.53
C GLY A 124 12.82 -4.27 -10.93
N TYR A 125 13.37 -5.38 -11.44
CA TYR A 125 12.51 -6.51 -11.78
C TYR A 125 11.67 -6.94 -10.58
N ALA A 126 12.31 -7.04 -9.41
CA ALA A 126 11.56 -7.41 -8.21
C ALA A 126 10.39 -6.48 -8.00
N SER A 127 10.63 -5.17 -8.11
CA SER A 127 9.54 -4.21 -7.94
C SER A 127 8.39 -4.51 -8.89
N VAL A 128 8.70 -4.79 -10.16
CA VAL A 128 7.65 -5.10 -11.11
C VAL A 128 6.81 -6.27 -10.61
N VAL A 129 7.47 -7.35 -10.20
CA VAL A 129 6.73 -8.49 -9.69
C VAL A 129 5.84 -8.08 -8.55
N ILE A 130 6.38 -7.30 -7.61
CA ILE A 130 5.59 -6.85 -6.47
C ILE A 130 4.33 -6.15 -6.95
N VAL A 131 4.49 -5.19 -7.87
CA VAL A 131 3.33 -4.40 -8.27
C VAL A 131 2.29 -5.30 -8.91
N SER A 132 2.73 -6.33 -9.65
CA SER A 132 1.78 -7.25 -10.25
C SER A 132 0.88 -7.85 -9.18
N LEU A 133 1.50 -8.42 -8.13
CA LEU A 133 0.72 -8.99 -7.06
C LEU A 133 -0.20 -7.96 -6.43
N LEU A 134 0.31 -6.73 -6.27
CA LEU A 134 -0.52 -5.67 -5.71
C LEU A 134 -1.79 -5.50 -6.54
N ASN A 135 -1.63 -5.40 -7.87
CA ASN A 135 -2.79 -5.15 -8.71
C ASN A 135 -3.79 -6.30 -8.63
N VAL A 136 -3.34 -7.47 -8.21
CA VAL A 136 -4.26 -8.60 -8.07
C VAL A 136 -5.21 -8.38 -6.90
N TYR A 137 -4.69 -7.89 -5.77
CA TYR A 137 -5.52 -7.88 -4.57
C TYR A 137 -5.96 -6.50 -4.15
N TYR A 138 -5.18 -5.46 -4.44
CA TYR A 138 -5.53 -4.11 -4.04
C TYR A 138 -6.86 -3.66 -4.63
N ILE A 139 -7.26 -4.20 -5.78
CA ILE A 139 -8.53 -3.82 -6.37
C ILE A 139 -9.70 -4.54 -5.72
N VAL A 140 -9.46 -5.68 -5.06
CA VAL A 140 -10.54 -6.43 -4.44
C VAL A 140 -11.26 -5.56 -3.41
N ILE A 141 -10.51 -4.77 -2.65
CA ILE A 141 -11.11 -3.85 -1.69
C ILE A 141 -12.15 -2.97 -2.39
N LEU A 142 -11.79 -2.42 -3.55
CA LEU A 142 -12.73 -1.60 -4.30
C LEU A 142 -14.02 -2.36 -4.58
N ALA A 143 -13.92 -3.63 -4.98
CA ALA A 143 -15.11 -4.43 -5.17
C ALA A 143 -15.99 -4.40 -3.93
N TRP A 144 -15.39 -4.67 -2.76
CA TRP A 144 -16.14 -4.58 -1.52
C TRP A 144 -16.83 -3.23 -1.40
N ALA A 145 -16.06 -2.15 -1.59
CA ALA A 145 -16.65 -0.82 -1.51
C ALA A 145 -17.81 -0.69 -2.48
N THR A 146 -17.62 -1.14 -3.73
CA THR A 146 -18.69 -1.07 -4.71
C THR A 146 -19.92 -1.80 -4.20
N TYR A 147 -19.73 -2.99 -3.62
CA TYR A 147 -20.85 -3.73 -3.08
C TYR A 147 -21.58 -2.88 -2.04
N TYR A 148 -20.83 -2.32 -1.09
CA TYR A 148 -21.45 -1.46 -0.08
C TYR A 148 -22.16 -0.29 -0.72
N LEU A 149 -21.59 0.27 -1.79
CA LEU A 149 -22.26 1.35 -2.50
C LEU A 149 -23.62 0.91 -3.01
N PHE A 150 -23.68 -0.28 -3.62
CA PHE A 150 -24.96 -0.75 -4.13
C PHE A 150 -25.91 -1.11 -3.00
N GLN A 151 -25.38 -1.30 -1.78
CA GLN A 151 -26.24 -1.54 -0.63
C GLN A 151 -26.71 -0.24 0.01
N SER A 152 -26.18 0.90 -0.41
CA SER A 152 -26.58 2.18 0.19
C SER A 152 -27.84 2.73 -0.46
N PHE A 153 -28.16 2.31 -1.67
CA PHE A 153 -29.31 2.84 -2.41
C PHE A 153 -30.61 2.18 -1.95
N GLN A 154 -30.95 2.43 -0.69
CA GLN A 154 -32.22 1.95 -0.12
C GLN A 154 -32.58 2.81 1.07
N LYS A 155 -33.83 2.69 1.50
CA LYS A 155 -34.35 3.55 2.57
C LYS A 155 -33.60 3.32 3.87
N GLU A 156 -33.36 2.06 4.23
CA GLU A 156 -32.70 1.71 5.47
C GLU A 156 -31.40 0.97 5.15
N LEU A 157 -30.31 1.38 5.78
CA LEU A 157 -29.04 0.71 5.59
C LEU A 157 -29.12 -0.72 6.12
N PRO A 158 -28.71 -1.72 5.34
CA PRO A 158 -28.86 -3.11 5.80
C PRO A 158 -28.06 -3.46 7.04
N TRP A 159 -26.95 -2.76 7.31
CA TRP A 159 -26.13 -3.01 8.49
C TRP A 159 -26.60 -2.21 9.69
N ALA A 160 -27.88 -2.27 10.02
CA ALA A 160 -28.41 -1.47 11.12
C ALA A 160 -29.25 -2.30 12.08
N HIS A 161 -29.89 -3.35 11.57
CA HIS A 161 -30.82 -4.15 12.37
C HIS A 161 -30.56 -5.63 12.15
N CYS A 162 -31.27 -6.45 12.92
CA CYS A 162 -31.06 -7.89 12.95
C CYS A 162 -32.28 -8.66 12.42
N ASN A 163 -33.04 -8.06 11.51
CA ASN A 163 -34.24 -8.69 10.96
C ASN A 163 -34.04 -9.16 9.53
N HIS A 164 -32.79 -9.35 9.10
CA HIS A 164 -32.49 -9.79 7.76
C HIS A 164 -32.27 -11.30 7.72
N SER A 165 -32.27 -11.85 6.50
CA SER A 165 -32.13 -13.29 6.34
C SER A 165 -30.76 -13.77 6.80
N TRP A 166 -29.71 -13.00 6.49
CA TRP A 166 -28.35 -13.44 6.80
C TRP A 166 -28.01 -13.31 8.27
N ASN A 167 -28.85 -12.65 9.07
CA ASN A 167 -28.56 -12.45 10.47
C ASN A 167 -28.79 -13.74 11.25
N THR A 168 -27.80 -14.12 12.05
CA THR A 168 -27.91 -15.28 12.93
C THR A 168 -28.81 -14.96 14.11
N PRO A 169 -29.32 -15.98 14.81
CA PRO A 169 -30.08 -15.71 16.04
C PRO A 169 -29.28 -15.01 17.11
N HIS A 170 -27.94 -15.01 17.00
CA HIS A 170 -27.07 -14.32 17.95
C HIS A 170 -26.87 -12.85 17.61
N CYS A 171 -27.78 -12.26 16.85
CA CYS A 171 -27.67 -10.86 16.43
C CYS A 171 -28.49 -10.00 17.39
N MET A 172 -27.81 -9.16 18.16
CA MET A 172 -28.44 -8.21 19.05
C MET A 172 -28.08 -6.80 18.63
N GLU A 173 -29.08 -5.91 18.57
CA GLU A 173 -28.82 -4.52 18.25
C GLU A 173 -27.98 -3.88 19.35
N ASP A 174 -27.02 -3.06 18.94
CA ASP A 174 -26.09 -2.46 19.89
C ASP A 174 -26.79 -1.55 20.89
N THR A 175 -27.92 -0.96 20.49
CA THR A 175 -28.67 -0.10 21.40
C THR A 175 -29.22 -0.91 22.58
N MET A 176 -29.70 -2.12 22.32
CA MET A 176 -30.21 -3.00 23.36
C MET A 176 -29.20 -4.04 23.79
N ARG A 177 -27.93 -3.88 23.40
CA ARG A 177 -26.92 -4.89 23.71
C ARG A 177 -26.69 -5.01 25.21
N LYS A 178 -26.62 -3.88 25.91
CA LYS A 178 -26.36 -3.88 27.34
C LYS A 178 -27.61 -3.51 28.14
N ASN A 190 -21.33 -14.71 22.59
CA ASN A 190 -22.70 -15.01 22.20
C ASN A 190 -23.22 -14.00 21.19
N PHE A 191 -23.72 -12.88 21.69
CA PHE A 191 -24.36 -11.89 20.84
C PHE A 191 -23.36 -11.29 19.85
N THR A 192 -23.83 -11.02 18.65
CA THR A 192 -23.03 -10.44 17.58
C THR A 192 -23.69 -9.18 17.05
N SER A 193 -22.87 -8.19 16.71
CA SER A 193 -23.35 -6.91 16.20
C SER A 193 -23.89 -7.07 14.79
N PRO A 194 -25.00 -6.39 14.47
CA PRO A 194 -25.51 -6.46 13.08
C PRO A 194 -24.55 -5.89 12.05
N VAL A 195 -23.70 -4.94 12.42
CA VAL A 195 -22.74 -4.39 11.48
C VAL A 195 -21.69 -5.43 11.11
N ILE A 196 -21.25 -6.22 12.09
CA ILE A 196 -20.25 -7.25 11.82
C ILE A 196 -20.85 -8.38 10.99
N GLU A 197 -22.08 -8.78 11.30
CA GLU A 197 -22.71 -9.87 10.56
C GLU A 197 -22.93 -9.53 9.10
N PHE A 198 -23.28 -8.27 8.80
CA PHE A 198 -23.42 -7.87 7.40
C PHE A 198 -22.10 -7.99 6.66
N TRP A 199 -21.00 -7.64 7.32
CA TRP A 199 -19.68 -7.79 6.71
C TRP A 199 -19.33 -9.25 6.50
N GLU A 200 -19.68 -10.12 7.45
CA GLU A 200 -19.30 -11.53 7.37
C GLU A 200 -20.35 -12.37 6.66
N ARG A 201 -21.59 -12.35 7.16
CA ARG A 201 -22.62 -13.25 6.64
C ARG A 201 -23.16 -12.82 5.27
N ASN A 202 -23.08 -11.53 4.92
CA ASN A 202 -23.66 -11.04 3.68
C ASN A 202 -22.59 -10.64 2.68
N VAL A 203 -21.69 -9.73 3.05
CA VAL A 203 -20.69 -9.25 2.10
C VAL A 203 -19.69 -10.36 1.78
N LEU A 204 -19.15 -11.00 2.81
CA LEU A 204 -18.11 -12.00 2.61
C LEU A 204 -18.66 -13.42 2.47
N SER A 205 -19.73 -13.74 3.20
CA SER A 205 -20.21 -15.12 3.33
C SER A 205 -19.04 -16.03 3.75
N LEU A 206 -18.45 -15.68 4.88
CA LEU A 206 -17.17 -16.25 5.28
C LEU A 206 -17.25 -17.77 5.45
N SER A 207 -16.18 -18.44 5.07
CA SER A 207 -16.04 -19.89 5.16
C SER A 207 -15.31 -20.27 6.44
N PRO A 208 -15.38 -21.55 6.84
CA PRO A 208 -14.59 -21.99 8.00
C PRO A 208 -13.09 -21.81 7.83
N GLY A 209 -12.58 -21.86 6.61
CA GLY A 209 -11.15 -21.71 6.42
C GLY A 209 -10.80 -21.52 4.96
N ILE A 210 -9.50 -21.31 4.72
CA ILE A 210 -9.02 -21.13 3.36
C ILE A 210 -9.15 -22.41 2.55
N ASP A 211 -9.01 -23.58 3.20
CA ASP A 211 -9.15 -24.84 2.51
C ASP A 211 -10.59 -25.14 2.11
N HIS A 212 -11.54 -24.33 2.58
CA HIS A 212 -12.93 -24.42 2.14
C HIS A 212 -13.28 -23.22 1.28
N PRO A 213 -12.99 -23.27 -0.03
CA PRO A 213 -13.30 -22.12 -0.89
C PRO A 213 -14.79 -21.90 -1.11
N GLY A 214 -15.63 -22.87 -0.79
CA GLY A 214 -17.05 -22.70 -1.00
C GLY A 214 -17.39 -22.52 -2.47
N SER A 215 -18.18 -21.49 -2.75
CA SER A 215 -18.60 -21.18 -4.11
C SER A 215 -18.35 -19.71 -4.39
N LEU A 216 -18.09 -19.39 -5.65
CA LEU A 216 -17.79 -18.02 -6.04
C LEU A 216 -18.99 -17.12 -5.78
N LYS A 217 -18.75 -15.97 -5.16
CA LYS A 217 -19.80 -15.00 -4.90
C LYS A 217 -20.12 -14.25 -6.19
N TRP A 218 -21.31 -14.49 -6.73
CA TRP A 218 -21.70 -13.89 -8.01
C TRP A 218 -22.09 -12.43 -7.89
N ASP A 219 -22.19 -11.89 -6.68
CA ASP A 219 -22.45 -10.47 -6.50
C ASP A 219 -21.16 -9.67 -6.40
N LEU A 220 -20.17 -10.19 -5.68
CA LEU A 220 -18.86 -9.56 -5.65
C LEU A 220 -18.06 -9.78 -6.92
N ALA A 221 -18.29 -10.89 -7.63
CA ALA A 221 -17.61 -11.12 -8.90
C ALA A 221 -18.02 -10.07 -9.94
N LEU A 222 -19.30 -9.74 -10.00
CA LEU A 222 -19.76 -8.70 -10.92
C LEU A 222 -19.33 -7.31 -10.48
N CYS A 223 -19.13 -7.08 -9.18
CA CYS A 223 -18.59 -5.81 -8.73
C CYS A 223 -17.10 -5.72 -8.98
N LEU A 224 -16.37 -6.84 -8.86
CA LEU A 224 -14.95 -6.84 -9.17
C LEU A 224 -14.71 -6.61 -10.66
N LEU A 225 -15.54 -7.23 -11.52
CA LEU A 225 -15.40 -7.01 -12.96
C LEU A 225 -15.73 -5.57 -13.33
N LEU A 226 -16.70 -4.96 -12.64
CA LEU A 226 -17.09 -3.59 -12.94
C LEU A 226 -15.93 -2.63 -12.68
N VAL A 227 -15.20 -2.83 -11.59
CA VAL A 227 -14.05 -1.97 -11.29
C VAL A 227 -12.93 -2.18 -12.30
N TRP A 228 -12.72 -3.42 -12.74
CA TRP A 228 -11.67 -3.68 -13.73
C TRP A 228 -12.02 -3.08 -15.10
N LEU A 229 -13.30 -3.08 -15.46
CA LEU A 229 -13.71 -2.42 -16.69
C LEU A 229 -13.45 -0.92 -16.62
N VAL A 230 -13.69 -0.31 -15.46
CA VAL A 230 -13.38 1.10 -15.29
C VAL A 230 -11.87 1.32 -15.40
N CYS A 231 -11.09 0.46 -14.76
CA CYS A 231 -9.64 0.59 -14.84
C CYS A 231 -9.13 0.40 -16.26
N PHE A 232 -9.67 -0.59 -16.97
CA PHE A 232 -9.26 -0.83 -18.35
C PHE A 232 -9.62 0.34 -19.25
N PHE A 233 -10.84 0.86 -19.10
CA PHE A 233 -11.27 1.97 -19.95
C PHE A 233 -10.52 3.26 -19.63
N CYS A 234 -10.17 3.46 -18.36
CA CYS A 234 -9.40 4.65 -17.97
C CYS A 234 -7.92 4.53 -18.28
N ILE A 235 -7.45 3.35 -18.69
CA ILE A 235 -6.07 3.17 -19.11
C ILE A 235 -5.97 3.04 -20.62
N TRP A 236 -6.95 2.37 -21.25
CA TRP A 236 -6.97 2.28 -22.70
C TRP A 236 -7.10 3.67 -23.33
N LYS A 237 -7.96 4.51 -22.78
CA LYS A 237 -8.14 5.88 -23.27
C LYS A 237 -7.29 6.89 -22.53
N GLY A 238 -6.77 6.53 -21.36
CA GLY A 238 -5.91 7.43 -20.60
C GLY A 238 -6.56 8.73 -20.20
N VAL A 239 -7.58 8.66 -19.33
CA VAL A 239 -8.25 9.87 -18.88
C VAL A 239 -7.30 10.75 -18.08
N ARG A 240 -6.51 10.14 -17.19
CA ARG A 240 -5.46 10.80 -16.42
C ARG A 240 -6.01 11.85 -15.47
N SER A 241 -7.33 12.00 -15.38
CA SER A 241 -7.97 12.97 -14.49
C SER A 241 -7.43 14.38 -14.72
N THR A 242 -7.30 14.78 -15.98
CA THR A 242 -6.74 16.07 -16.34
C THR A 242 -7.85 17.09 -16.51
N GLY A 243 -7.74 18.22 -15.82
CA GLY A 243 -8.73 19.27 -15.90
C GLY A 243 -9.01 19.93 -14.57
N LYS A 244 -10.24 20.40 -14.38
CA LYS A 244 -10.65 21.04 -13.14
C LYS A 244 -11.23 20.06 -12.13
N VAL A 245 -11.31 18.77 -12.48
CA VAL A 245 -11.78 17.76 -11.53
C VAL A 245 -10.73 17.47 -10.47
N VAL A 246 -9.51 18.00 -10.63
CA VAL A 246 -8.46 17.77 -9.65
C VAL A 246 -8.83 18.40 -8.32
N TYR A 247 -9.51 19.55 -8.35
CA TYR A 247 -9.95 20.19 -7.11
C TYR A 247 -10.94 19.31 -6.35
N PHE A 248 -11.88 18.69 -7.07
CA PHE A 248 -12.87 17.85 -6.41
C PHE A 248 -12.26 16.54 -5.92
N THR A 249 -11.44 15.89 -6.76
CA THR A 249 -10.91 14.58 -6.39
C THR A 249 -9.82 14.65 -5.33
N ALA A 250 -9.34 15.84 -4.97
CA ALA A 250 -8.31 15.99 -3.97
C ALA A 250 -8.80 16.58 -2.66
N THR A 251 -9.90 17.35 -2.68
CA THR A 251 -10.43 17.97 -1.48
C THR A 251 -11.62 17.22 -0.89
N PHE A 252 -12.36 16.47 -1.72
CA PHE A 252 -13.51 15.72 -1.21
C PHE A 252 -13.13 14.68 -0.17
N PRO A 253 -12.08 13.86 -0.34
CA PRO A 253 -11.73 12.91 0.73
C PRO A 253 -11.45 13.58 2.07
N PHE A 254 -10.80 14.73 2.06
CA PHE A 254 -10.52 15.44 3.31
C PHE A 254 -11.81 15.99 3.92
N ALA A 255 -12.76 16.40 3.08
CA ALA A 255 -14.04 16.87 3.58
C ALA A 255 -14.80 15.75 4.27
N MET A 256 -14.80 14.55 3.67
CA MET A 256 -15.49 13.42 4.28
C MET A 256 -14.76 12.94 5.54
N LEU A 257 -13.43 12.89 5.48
CA LEU A 257 -12.67 12.49 6.67
C LEU A 257 -12.88 13.48 7.81
N LEU A 258 -13.07 14.76 7.48
CA LEU A 258 -13.38 15.74 8.52
C LEU A 258 -14.74 15.46 9.15
N VAL A 259 -15.73 15.09 8.35
CA VAL A 259 -17.06 14.78 8.88
C VAL A 259 -16.99 13.54 9.77
N LEU A 260 -16.27 12.51 9.31
CA LEU A 260 -16.08 11.32 10.14
C LEU A 260 -15.32 11.64 11.41
N LEU A 261 -14.31 12.52 11.32
CA LEU A 261 -13.55 12.90 12.50
C LEU A 261 -14.42 13.64 13.51
N VAL A 262 -15.23 14.59 13.04
CA VAL A 262 -16.10 15.33 13.93
C VAL A 262 -17.15 14.42 14.54
N ARG A 263 -17.73 13.52 13.73
CA ARG A 263 -18.70 12.56 14.25
C ARG A 263 -18.06 11.63 15.26
N GLY A 264 -16.87 11.12 14.94
CA GLY A 264 -16.23 10.17 15.84
C GLY A 264 -15.85 10.79 17.18
N LEU A 265 -15.32 12.01 17.15
CA LEU A 265 -14.89 12.66 18.38
C LEU A 265 -16.06 12.93 19.32
N THR A 266 -17.21 13.32 18.78
CA THR A 266 -18.36 13.69 19.60
C THR A 266 -19.17 12.51 20.10
N LEU A 267 -18.87 11.30 19.64
CA LEU A 267 -19.60 10.13 20.12
C LEU A 267 -19.27 9.86 21.58
N PRO A 268 -20.22 9.41 22.39
CA PRO A 268 -19.91 9.09 23.79
C PRO A 268 -18.99 7.88 23.88
N GLY A 269 -17.94 8.01 24.66
CA GLY A 269 -16.94 6.97 24.79
C GLY A 269 -15.77 7.08 23.84
N ALA A 270 -15.67 8.19 23.09
CA ALA A 270 -14.55 8.35 22.18
C ALA A 270 -13.23 8.52 22.94
N GLY A 271 -13.30 9.06 24.16
CA GLY A 271 -12.08 9.23 24.94
C GLY A 271 -11.40 7.92 25.26
N ALA A 272 -12.19 6.88 25.55
CA ALA A 272 -11.60 5.56 25.79
C ALA A 272 -10.95 5.01 24.53
N GLY A 273 -11.57 5.24 23.38
CA GLY A 273 -10.98 4.78 22.13
C GLY A 273 -9.69 5.49 21.78
N ILE A 274 -9.64 6.80 22.02
CA ILE A 274 -8.43 7.57 21.71
C ILE A 274 -7.30 7.17 22.65
N LYS A 275 -7.62 6.91 23.92
CA LYS A 275 -6.59 6.46 24.86
C LYS A 275 -6.01 5.13 24.43
N PHE A 276 -6.86 4.23 23.93
CA PHE A 276 -6.37 2.97 23.35
C PHE A 276 -5.48 3.23 22.15
N TYR A 277 -5.84 4.22 21.32
CA TYR A 277 -5.10 4.48 20.10
C TYR A 277 -3.74 5.11 20.39
N LEU A 278 -3.64 5.94 21.42
CA LEU A 278 -2.44 6.72 21.68
C LEU A 278 -1.53 6.08 22.72
N TYR A 279 -2.05 5.71 23.88
CA TYR A 279 -1.21 5.18 24.94
C TYR A 279 -0.63 3.82 24.54
N PRO A 280 0.69 3.67 24.50
CA PRO A 280 1.28 2.43 23.99
C PRO A 280 1.43 1.35 25.06
N ASP A 281 1.49 0.12 24.57
CA ASP A 281 1.80 -1.04 25.40
C ASP A 281 3.24 -1.43 25.11
N ILE A 282 4.13 -1.16 26.06
CA ILE A 282 5.55 -1.38 25.85
C ILE A 282 5.89 -2.85 25.66
N THR A 283 5.18 -3.75 26.36
CA THR A 283 5.44 -5.17 26.21
C THR A 283 5.11 -5.66 24.80
N ARG A 284 4.22 -4.96 24.09
CA ARG A 284 3.89 -5.35 22.73
C ARG A 284 5.06 -5.15 21.78
N LEU A 285 5.98 -4.23 22.10
CA LEU A 285 7.11 -3.97 21.23
C LEU A 285 8.08 -5.14 21.15
N GLU A 286 8.05 -6.05 22.12
CA GLU A 286 8.91 -7.23 22.07
C GLU A 286 8.50 -8.21 20.98
N ASP A 287 7.29 -8.07 20.44
CA ASP A 287 6.84 -8.92 19.34
C ASP A 287 7.40 -8.37 18.04
N PRO A 288 8.17 -9.14 17.28
CA PRO A 288 8.75 -8.61 16.04
C PRO A 288 7.71 -8.18 15.02
N GLN A 289 6.51 -8.75 15.05
CA GLN A 289 5.53 -8.47 14.01
C GLN A 289 5.06 -7.03 14.06
N VAL A 290 5.14 -6.39 15.23
CA VAL A 290 4.76 -4.99 15.33
C VAL A 290 5.67 -4.12 14.47
N TRP A 291 6.98 -4.40 14.50
CA TRP A 291 7.93 -3.61 13.74
C TRP A 291 7.79 -3.84 12.24
N ILE A 292 7.58 -5.09 11.84
CA ILE A 292 7.39 -5.39 10.42
C ILE A 292 6.11 -4.75 9.90
N ASP A 293 5.03 -4.85 10.67
CA ASP A 293 3.75 -4.27 10.25
C ASP A 293 3.84 -2.75 10.15
N ALA A 294 4.46 -2.11 11.13
CA ALA A 294 4.54 -0.66 11.15
C ALA A 294 5.52 -0.14 10.10
N GLY A 295 6.68 -0.79 9.98
CA GLY A 295 7.67 -0.36 9.02
C GLY A 295 7.19 -0.50 7.59
N THR A 296 6.52 -1.61 7.29
CA THR A 296 6.03 -1.84 5.94
C THR A 296 4.83 -0.95 5.63
N GLN A 297 4.05 -0.57 6.64
CA GLN A 297 2.92 0.32 6.41
C GLN A 297 3.39 1.66 5.85
N ILE A 298 4.54 2.14 6.32
CA ILE A 298 5.14 3.34 5.73
C ILE A 298 5.47 3.09 4.27
N PHE A 299 6.03 1.92 3.97
CA PHE A 299 6.36 1.58 2.59
C PHE A 299 5.11 1.41 1.74
N PHE A 300 4.04 0.88 2.32
CA PHE A 300 2.80 0.70 1.56
C PHE A 300 2.18 2.04 1.19
N SER A 301 2.03 2.94 2.16
CA SER A 301 1.37 4.21 1.90
C SER A 301 2.21 5.12 1.02
N TYR A 302 3.54 5.01 1.10
CA TYR A 302 4.41 5.83 0.27
C TYR A 302 4.61 5.28 -1.13
N ALA A 303 4.11 4.07 -1.40
CA ALA A 303 4.23 3.45 -2.72
C ALA A 303 5.68 3.34 -3.18
N ILE A 304 6.59 3.08 -2.24
CA ILE A 304 8.00 2.93 -2.57
C ILE A 304 8.32 1.44 -2.68
N CYS A 305 9.52 1.15 -3.19
CA CYS A 305 9.96 -0.20 -3.53
C CYS A 305 9.13 -0.81 -4.65
N LEU A 306 8.47 0.02 -5.46
CA LEU A 306 7.64 -0.43 -6.55
C LEU A 306 8.04 0.12 -7.92
N GLY A 307 8.97 1.07 -7.98
CA GLY A 307 9.31 1.73 -9.21
C GLY A 307 8.33 2.81 -9.63
N ALA A 308 7.28 3.05 -8.84
CA ALA A 308 6.33 4.11 -9.16
C ALA A 308 6.94 5.47 -8.90
N MET A 309 7.61 5.63 -7.75
CA MET A 309 8.21 6.92 -7.43
C MET A 309 9.42 7.21 -8.31
N THR A 310 10.20 6.18 -8.64
CA THR A 310 11.31 6.37 -9.57
C THR A 310 10.80 6.78 -10.94
N SER A 311 9.73 6.14 -11.41
CA SER A 311 9.10 6.56 -12.66
C SER A 311 8.52 7.96 -12.53
N LEU A 312 7.92 8.26 -11.38
CA LEU A 312 7.43 9.61 -11.14
C LEU A 312 8.57 10.61 -11.07
N GLY A 313 9.69 10.22 -10.46
CA GLY A 313 10.82 11.12 -10.37
C GLY A 313 11.40 11.48 -11.72
N SER A 314 11.35 10.54 -12.67
CA SER A 314 11.91 10.78 -13.99
C SER A 314 11.18 11.90 -14.73
N TYR A 315 9.95 12.20 -14.33
CA TYR A 315 9.16 13.26 -14.95
C TYR A 315 9.49 14.64 -14.39
N ASN A 316 10.34 14.73 -13.38
CA ASN A 316 10.78 16.01 -12.85
C ASN A 316 11.94 16.55 -13.66
N LYS A 317 12.02 17.88 -13.76
CA LYS A 317 13.16 18.49 -14.41
C LYS A 317 14.43 18.21 -13.62
N TYR A 318 15.56 18.22 -14.32
CA TYR A 318 16.83 17.92 -13.65
C TYR A 318 17.12 18.94 -12.55
N LYS A 319 16.96 20.22 -12.85
CA LYS A 319 17.16 21.29 -11.87
C LYS A 319 15.81 21.63 -11.27
N TYR A 320 15.39 20.83 -10.28
CA TYR A 320 14.12 21.02 -9.61
C TYR A 320 14.25 20.52 -8.18
N ASN A 321 13.93 21.37 -7.22
CA ASN A 321 14.10 21.05 -5.80
C ASN A 321 12.99 20.09 -5.39
N SER A 322 13.22 18.80 -5.61
CA SER A 322 12.28 17.78 -5.18
C SER A 322 12.46 17.39 -3.73
N TYR A 323 13.47 17.92 -3.05
CA TYR A 323 13.65 17.66 -1.63
C TYR A 323 12.48 18.20 -0.82
N ARG A 324 12.06 19.44 -1.12
CA ARG A 324 10.96 20.05 -0.37
C ARG A 324 9.65 19.33 -0.65
N ASP A 325 9.49 18.78 -1.86
CA ASP A 325 8.25 18.10 -2.19
C ASP A 325 8.13 16.77 -1.45
N CYS A 326 9.23 16.00 -1.37
CA CYS A 326 9.18 14.71 -0.70
C CYS A 326 8.88 14.88 0.78
N MET A 327 9.49 15.87 1.43
CA MET A 327 9.20 16.14 2.83
C MET A 327 7.76 16.61 3.00
N LEU A 328 7.30 17.46 2.09
CA LEU A 328 5.93 17.97 2.18
C LEU A 328 4.92 16.86 1.99
N LEU A 329 5.10 16.04 0.95
CA LEU A 329 4.16 14.95 0.69
C LEU A 329 4.29 13.84 1.72
N GLY A 330 5.50 13.59 2.21
CA GLY A 330 5.68 12.52 3.18
C GLY A 330 4.99 12.82 4.51
N CYS A 331 5.11 14.06 4.99
CA CYS A 331 4.46 14.43 6.24
C CYS A 331 2.96 14.59 6.06
N LEU A 332 2.51 14.97 4.87
CA LEU A 332 1.08 15.07 4.61
C LEU A 332 0.45 13.68 4.50
N ASN A 333 1.16 12.74 3.88
CA ASN A 333 0.63 11.38 3.74
C ASN A 333 0.59 10.68 5.08
N SER A 334 1.66 10.78 5.86
CA SER A 334 1.69 10.15 7.17
C SER A 334 0.84 10.92 8.18
N GLY A 335 0.72 12.24 8.01
CA GLY A 335 -0.16 13.00 8.86
C GLY A 335 -1.62 12.65 8.66
N THR A 336 -2.00 12.34 7.42
CA THR A 336 -3.37 11.93 7.12
C THR A 336 -3.71 10.63 7.83
N SER A 337 -2.78 9.67 7.82
CA SER A 337 -3.02 8.39 8.47
C SER A 337 -3.20 8.56 9.98
N PHE A 338 -2.35 9.38 10.60
CA PHE A 338 -2.43 9.59 12.04
C PHE A 338 -3.72 10.30 12.42
N VAL A 339 -4.10 11.32 11.65
CA VAL A 339 -5.32 12.06 11.95
C VAL A 339 -6.56 11.20 11.70
N SER A 340 -6.54 10.42 10.61
CA SER A 340 -7.66 9.53 10.33
C SER A 340 -7.78 8.44 11.39
N GLY A 341 -6.70 8.17 12.12
CA GLY A 341 -6.78 7.20 13.19
C GLY A 341 -7.69 7.65 14.32
N PHE A 342 -7.73 8.95 14.59
CA PHE A 342 -8.64 9.47 15.59
C PHE A 342 -10.09 9.24 15.22
N ALA A 343 -10.38 9.14 13.92
CA ALA A 343 -11.75 8.88 13.48
C ALA A 343 -12.15 7.44 13.77
N ILE A 344 -11.33 6.48 13.33
CA ILE A 344 -11.68 5.07 13.48
C ILE A 344 -11.75 4.70 14.96
N PHE A 345 -10.74 5.06 15.73
CA PHE A 345 -10.64 4.57 17.10
C PHE A 345 -11.62 5.27 18.03
N SER A 346 -12.06 6.49 17.69
CA SER A 346 -13.13 7.11 18.45
C SER A 346 -14.46 6.38 18.21
N ILE A 347 -14.67 5.89 16.99
CA ILE A 347 -15.84 5.07 16.71
C ILE A 347 -15.74 3.74 17.45
N LEU A 348 -14.56 3.12 17.43
CA LEU A 348 -14.38 1.85 18.13
C LEU A 348 -14.58 2.01 19.63
N GLY A 349 -14.14 3.14 20.19
CA GLY A 349 -14.38 3.39 21.59
C GLY A 349 -15.86 3.52 21.92
N PHE A 350 -16.63 4.13 21.00
CA PHE A 350 -18.07 4.21 21.19
C PHE A 350 -18.72 2.83 21.10
N MET A 351 -18.29 2.04 20.11
CA MET A 351 -18.86 0.70 19.94
C MET A 351 -18.59 -0.16 21.16
N ALA A 352 -17.38 -0.08 21.72
CA ALA A 352 -17.06 -0.84 22.92
C ALA A 352 -17.88 -0.36 24.11
N GLN A 353 -18.15 0.94 24.17
CA GLN A 353 -18.85 1.50 25.32
C GLN A 353 -20.29 0.97 25.42
N GLU A 354 -21.03 1.00 24.32
CA GLU A 354 -22.42 0.59 24.36
C GLU A 354 -22.56 -0.93 24.41
N GLN A 355 -21.70 -1.65 23.69
CA GLN A 355 -21.81 -3.12 23.65
C GLN A 355 -21.29 -3.77 24.92
N GLY A 356 -20.55 -3.04 25.76
CA GLY A 356 -19.99 -3.62 26.95
C GLY A 356 -18.84 -4.56 26.70
N VAL A 357 -18.15 -4.41 25.58
CA VAL A 357 -17.05 -5.28 25.21
C VAL A 357 -15.75 -4.46 25.25
N ASP A 358 -14.63 -5.17 25.34
CA ASP A 358 -13.33 -4.53 25.29
C ASP A 358 -13.10 -3.90 23.92
N ILE A 359 -12.36 -2.80 23.90
CA ILE A 359 -12.13 -2.06 22.66
C ILE A 359 -11.40 -2.92 21.64
N ALA A 360 -10.60 -3.88 22.08
CA ALA A 360 -9.86 -4.75 21.18
C ALA A 360 -10.66 -5.94 20.69
N ASP A 361 -11.93 -6.07 21.09
CA ASP A 361 -12.76 -7.22 20.72
C ASP A 361 -14.13 -6.79 20.19
N VAL A 362 -14.20 -5.61 19.56
CA VAL A 362 -15.47 -5.11 19.03
C VAL A 362 -15.53 -5.09 17.51
N ALA A 363 -14.43 -5.39 16.83
CA ALA A 363 -14.42 -5.38 15.38
C ALA A 363 -13.41 -6.41 14.90
N GLU A 364 -13.20 -6.44 13.58
CA GLU A 364 -12.30 -7.41 12.97
C GLU A 364 -10.87 -6.91 13.05
N SER A 365 -9.97 -7.77 13.56
CA SER A 365 -8.56 -7.40 13.61
C SER A 365 -7.93 -7.40 12.22
N GLY A 366 -8.46 -8.20 11.30
CA GLY A 366 -7.92 -8.26 9.96
C GLY A 366 -8.48 -7.17 9.07
N PRO A 367 -8.35 -7.35 7.75
CA PRO A 367 -8.93 -6.37 6.82
C PRO A 367 -10.43 -6.30 6.99
N GLY A 368 -10.99 -5.12 6.78
CA GLY A 368 -12.41 -4.90 7.00
C GLY A 368 -12.74 -4.15 8.26
N LEU A 369 -11.76 -3.64 9.01
CA LEU A 369 -12.06 -2.75 10.11
C LEU A 369 -12.74 -1.48 9.62
N ALA A 370 -12.29 -0.95 8.47
CA ALA A 370 -12.92 0.20 7.86
C ALA A 370 -14.31 -0.11 7.32
N PHE A 371 -14.68 -1.38 7.21
CA PHE A 371 -16.00 -1.78 6.77
C PHE A 371 -16.90 -2.18 7.94
N ILE A 372 -16.44 -2.00 9.17
CA ILE A 372 -17.23 -2.32 10.35
C ILE A 372 -17.34 -1.07 11.22
N ALA A 373 -16.36 -0.19 11.14
CA ALA A 373 -16.33 1.02 11.95
C ALA A 373 -16.96 2.20 11.23
N TYR A 374 -16.47 2.51 10.04
CA TYR A 374 -17.03 3.61 9.26
C TYR A 374 -18.48 3.40 8.88
N PRO A 375 -18.91 2.22 8.39
CA PRO A 375 -20.35 2.05 8.12
C PRO A 375 -21.22 2.22 9.34
N LYS A 376 -20.71 1.94 10.54
CA LYS A 376 -21.51 2.15 11.74
C LYS A 376 -21.62 3.63 12.07
N ALA A 377 -20.53 4.38 11.92
CA ALA A 377 -20.56 5.82 12.21
C ALA A 377 -21.58 6.53 11.34
N VAL A 378 -21.79 6.01 10.12
CA VAL A 378 -22.76 6.60 9.21
C VAL A 378 -24.17 6.48 9.79
N THR A 379 -24.45 5.36 10.48
CA THR A 379 -25.79 5.14 11.01
C THR A 379 -26.17 6.13 12.10
N MET A 380 -25.20 6.83 12.70
CA MET A 380 -25.49 7.84 13.70
C MET A 380 -25.67 9.24 13.12
N MET A 381 -25.27 9.46 11.87
CA MET A 381 -25.43 10.76 11.25
C MET A 381 -26.85 10.94 10.73
N PRO A 382 -27.34 12.18 10.66
CA PRO A 382 -28.65 12.41 10.05
C PRO A 382 -28.62 12.06 8.58
N LEU A 383 -29.73 11.47 8.10
CA LEU A 383 -29.82 10.91 6.76
C LEU A 383 -28.65 9.97 6.51
N PRO A 384 -28.63 8.80 7.17
CA PRO A 384 -27.48 7.89 6.99
C PRO A 384 -27.31 7.40 5.57
N THR A 385 -28.40 7.33 4.80
CA THR A 385 -28.27 6.91 3.40
C THR A 385 -27.40 7.87 2.62
N PHE A 386 -27.57 9.17 2.84
CA PHE A 386 -26.79 10.17 2.13
C PHE A 386 -25.30 10.06 2.46
N TRP A 387 -24.97 9.86 3.74
CA TRP A 387 -23.57 9.81 4.14
C TRP A 387 -22.92 8.49 3.76
N SER A 388 -23.70 7.40 3.73
CA SER A 388 -23.14 6.12 3.32
C SER A 388 -22.72 6.15 1.86
N ILE A 389 -23.52 6.79 1.00
CA ILE A 389 -23.17 6.90 -0.41
C ILE A 389 -21.89 7.69 -0.57
N LEU A 390 -21.78 8.81 0.14
CA LEU A 390 -20.60 9.67 0.00
C LEU A 390 -19.34 8.97 0.48
N PHE A 391 -19.43 8.21 1.56
CA PHE A 391 -18.23 7.58 2.11
C PHE A 391 -17.65 6.56 1.14
N PHE A 392 -18.50 5.73 0.54
CA PHE A 392 -18.00 4.71 -0.38
C PHE A 392 -17.74 5.25 -1.77
N ILE A 393 -18.24 6.45 -2.09
CA ILE A 393 -17.75 7.16 -3.26
C ILE A 393 -16.34 7.68 -3.01
N MET A 394 -16.07 8.15 -1.80
CA MET A 394 -14.72 8.58 -1.44
C MET A 394 -13.76 7.39 -1.49
N LEU A 395 -14.18 6.25 -0.94
CA LEU A 395 -13.32 5.07 -0.95
C LEU A 395 -13.04 4.62 -2.38
N LEU A 396 -14.05 4.67 -3.24
CA LEU A 396 -13.85 4.31 -4.64
C LEU A 396 -12.92 5.30 -5.33
N LEU A 397 -13.08 6.59 -5.06
CA LEU A 397 -12.22 7.59 -5.69
C LEU A 397 -10.77 7.44 -5.24
N LEU A 398 -10.55 7.19 -3.95
CA LEU A 398 -9.20 7.02 -3.45
C LEU A 398 -8.52 5.79 -4.05
N GLY A 399 -9.25 4.68 -4.13
CA GLY A 399 -8.69 3.46 -4.66
C GLY A 399 -8.49 3.46 -6.16
N LEU A 400 -9.44 4.00 -6.90
CA LEU A 400 -9.33 4.02 -8.36
C LEU A 400 -8.16 4.87 -8.81
N ASP A 401 -7.94 6.01 -8.14
CA ASP A 401 -6.81 6.87 -8.49
C ASP A 401 -5.48 6.13 -8.29
N SER A 402 -5.37 5.41 -7.18
CA SER A 402 -4.15 4.64 -6.92
C SER A 402 -4.03 3.46 -7.88
N GLN A 403 -5.15 2.80 -8.18
CA GLN A 403 -5.12 1.64 -9.06
C GLN A 403 -4.75 2.03 -10.49
N PHE A 404 -5.23 3.19 -10.94
CA PHE A 404 -4.91 3.65 -12.29
C PHE A 404 -3.40 3.85 -12.45
N VAL A 405 -2.77 4.45 -11.44
CA VAL A 405 -1.34 4.75 -11.52
C VAL A 405 -0.52 3.46 -11.53
N GLU A 406 -0.86 2.53 -10.65
CA GLU A 406 -0.05 1.32 -10.51
C GLU A 406 -0.21 0.39 -11.70
N VAL A 407 -1.44 0.16 -12.15
CA VAL A 407 -1.66 -0.74 -13.28
C VAL A 407 -1.05 -0.16 -14.55
N GLU A 408 -1.25 1.14 -14.78
CA GLU A 408 -0.64 1.77 -15.95
C GLU A 408 0.87 1.83 -15.82
N GLY A 409 1.37 1.97 -14.58
CA GLY A 409 2.80 1.86 -14.36
C GLY A 409 3.32 0.47 -14.65
N GLN A 410 2.53 -0.55 -14.33
CA GLN A 410 2.90 -1.92 -14.65
C GLN A 410 2.99 -2.15 -16.15
N ILE A 411 2.04 -1.57 -16.90
CA ILE A 411 2.06 -1.69 -18.36
C ILE A 411 3.31 -1.02 -18.92
N THR A 412 3.65 0.15 -18.41
CA THR A 412 4.79 0.90 -18.94
C THR A 412 6.09 0.12 -18.75
N SER A 413 6.27 -0.50 -17.58
CA SER A 413 7.48 -1.27 -17.32
C SER A 413 7.59 -2.47 -18.28
N LEU A 414 6.48 -3.17 -18.49
CA LEU A 414 6.52 -4.35 -19.36
C LEU A 414 6.68 -3.96 -20.82
N VAL A 415 6.02 -2.88 -21.25
CA VAL A 415 6.15 -2.44 -22.63
C VAL A 415 7.57 -1.98 -22.93
N ASP A 416 8.18 -1.23 -22.01
CA ASP A 416 9.53 -0.74 -22.24
C ASP A 416 10.54 -1.88 -22.29
N LEU A 417 10.24 -3.01 -21.64
CA LEU A 417 11.12 -4.17 -21.72
C LEU A 417 11.16 -4.75 -23.11
N TYR A 418 10.05 -4.69 -23.84
CA TYR A 418 9.95 -5.21 -25.21
C TYR A 418 9.32 -4.15 -26.09
N PRO A 419 10.07 -3.08 -26.41
CA PRO A 419 9.52 -1.98 -27.20
C PRO A 419 9.35 -2.29 -28.69
N SER A 420 9.88 -3.41 -29.17
CA SER A 420 9.74 -3.79 -30.57
C SER A 420 8.58 -4.76 -30.81
N PHE A 421 8.06 -5.39 -29.76
CA PHE A 421 6.97 -6.35 -29.88
C PHE A 421 5.67 -5.81 -29.29
N LEU A 422 5.70 -5.37 -28.03
CA LEU A 422 4.48 -4.89 -27.39
C LEU A 422 4.05 -3.52 -27.88
N ARG A 423 4.87 -2.86 -28.70
CA ARG A 423 4.52 -1.54 -29.23
C ARG A 423 4.13 -1.58 -30.71
N LYS A 424 4.77 -2.40 -31.53
CA LYS A 424 4.47 -2.43 -32.96
C LYS A 424 3.92 -3.78 -33.40
N GLY A 425 4.66 -4.85 -33.10
CA GLY A 425 4.23 -6.18 -33.55
C GLY A 425 2.98 -6.67 -32.86
N TYR A 426 2.87 -6.44 -31.57
CA TYR A 426 1.71 -6.83 -30.77
C TYR A 426 1.15 -5.57 -30.14
N ARG A 427 -0.12 -5.28 -30.39
CA ARG A 427 -0.70 -4.01 -30.00
C ARG A 427 -0.66 -3.82 -28.49
N ARG A 428 -0.25 -2.61 -28.07
CA ARG A 428 -0.27 -2.28 -26.65
C ARG A 428 -1.70 -2.24 -26.11
N GLU A 429 -2.67 -1.90 -26.96
CA GLU A 429 -4.06 -1.88 -26.52
C GLU A 429 -4.54 -3.27 -26.12
N ILE A 430 -4.15 -4.29 -26.88
CA ILE A 430 -4.51 -5.67 -26.53
C ILE A 430 -3.78 -6.09 -25.26
N PHE A 431 -2.54 -5.66 -25.08
CA PHE A 431 -1.76 -6.06 -23.91
C PHE A 431 -2.39 -5.53 -22.63
N ILE A 432 -3.00 -4.35 -22.68
CA ILE A 432 -3.69 -3.82 -21.51
C ILE A 432 -4.85 -4.73 -21.13
N ALA A 433 -5.60 -5.21 -22.13
CA ALA A 433 -6.68 -6.14 -21.85
C ALA A 433 -6.15 -7.46 -21.30
N PHE A 434 -5.01 -7.92 -21.79
CA PHE A 434 -4.44 -9.18 -21.32
C PHE A 434 -4.02 -9.08 -19.86
N VAL A 435 -3.39 -7.97 -19.48
CA VAL A 435 -2.93 -7.80 -18.10
C VAL A 435 -4.13 -7.71 -17.16
N CYS A 436 -5.15 -6.94 -17.55
CA CYS A 436 -6.35 -6.81 -16.72
C CYS A 436 -7.09 -8.14 -16.62
N SER A 437 -7.18 -8.87 -17.72
CA SER A 437 -7.92 -10.14 -17.72
C SER A 437 -7.23 -11.17 -16.81
N ILE A 438 -5.91 -11.26 -16.89
CA ILE A 438 -5.19 -12.20 -16.04
C ILE A 438 -5.30 -11.80 -14.58
N SER A 439 -5.18 -10.50 -14.29
CA SER A 439 -5.29 -10.03 -12.92
C SER A 439 -6.69 -10.25 -12.37
N TYR A 440 -7.71 -10.09 -13.22
CA TYR A 440 -9.09 -10.31 -12.79
C TYR A 440 -9.32 -11.77 -12.41
N LEU A 441 -8.81 -12.70 -13.21
CA LEU A 441 -9.00 -14.11 -12.92
C LEU A 441 -8.31 -14.52 -11.62
N LEU A 442 -7.10 -14.01 -11.40
CA LEU A 442 -6.41 -14.30 -10.15
C LEU A 442 -7.11 -13.67 -8.96
N GLY A 443 -7.82 -12.55 -9.18
CA GLY A 443 -8.55 -11.92 -8.10
C GLY A 443 -9.84 -12.62 -7.74
N LEU A 444 -10.31 -13.55 -8.57
CA LEU A 444 -11.50 -14.33 -8.27
C LEU A 444 -11.27 -15.34 -7.15
N THR A 445 -10.03 -15.59 -6.77
CA THR A 445 -9.73 -16.45 -5.64
C THR A 445 -10.00 -15.77 -4.31
N MET A 446 -10.13 -14.43 -4.31
CA MET A 446 -10.46 -13.66 -3.12
C MET A 446 -11.92 -13.25 -3.09
N VAL A 447 -12.71 -13.73 -4.05
CA VAL A 447 -14.14 -13.44 -4.12
C VAL A 447 -15.00 -14.60 -3.63
N THR A 448 -14.51 -15.83 -3.71
CA THR A 448 -15.23 -16.98 -3.20
C THR A 448 -15.49 -16.82 -1.70
N GLU A 449 -16.35 -17.70 -1.17
CA GLU A 449 -16.73 -17.61 0.23
C GLU A 449 -15.52 -17.70 1.15
N GLY A 450 -14.55 -18.53 0.79
CA GLY A 450 -13.29 -18.62 1.51
C GLY A 450 -12.21 -17.69 1.00
N GLY A 451 -12.54 -16.71 0.17
CA GLY A 451 -11.55 -15.82 -0.41
C GLY A 451 -11.06 -14.73 0.50
N MET A 452 -11.70 -14.53 1.65
CA MET A 452 -11.20 -13.55 2.60
C MET A 452 -9.87 -13.97 3.19
N TYR A 453 -9.67 -15.28 3.37
CA TYR A 453 -8.40 -15.78 3.88
C TYR A 453 -7.30 -15.64 2.83
N VAL A 454 -7.64 -15.80 1.56
CA VAL A 454 -6.66 -15.61 0.49
C VAL A 454 -6.25 -14.14 0.40
N PHE A 455 -7.19 -13.23 0.65
CA PHE A 455 -6.87 -11.81 0.64
C PHE A 455 -5.85 -11.47 1.73
N GLN A 456 -6.01 -12.06 2.91
CA GLN A 456 -5.07 -11.80 4.00
C GLN A 456 -3.67 -12.29 3.66
N LEU A 457 -3.57 -13.46 3.02
CA LEU A 457 -2.27 -13.96 2.60
C LEU A 457 -1.59 -13.01 1.62
N PHE A 458 -2.33 -12.53 0.63
CA PHE A 458 -1.78 -11.56 -0.31
C PHE A 458 -1.43 -10.25 0.38
N ASP A 459 -2.29 -9.80 1.29
CA ASP A 459 -2.05 -8.53 1.97
C ASP A 459 -0.84 -8.62 2.91
N TYR A 460 -0.63 -9.79 3.52
CA TYR A 460 0.44 -9.96 4.49
C TYR A 460 1.79 -10.23 3.83
N TYR A 461 1.81 -11.02 2.76
CA TYR A 461 3.06 -11.46 2.13
C TYR A 461 3.37 -10.72 0.84
N ALA A 462 2.41 -10.64 -0.08
CA ALA A 462 2.63 -9.96 -1.34
C ALA A 462 2.56 -8.45 -1.16
N ALA A 463 3.56 -7.75 -1.70
CA ALA A 463 3.62 -6.29 -1.65
C ALA A 463 3.59 -5.76 -0.21
N SER A 464 4.13 -6.55 0.72
CA SER A 464 4.18 -6.17 2.12
C SER A 464 5.12 -7.12 2.85
N GLY A 465 5.44 -6.78 4.09
CA GLY A 465 6.25 -7.66 4.90
C GLY A 465 7.71 -7.63 4.48
N VAL A 466 8.32 -8.83 4.47
CA VAL A 466 9.75 -8.94 4.22
C VAL A 466 10.07 -8.65 2.76
N CYS A 467 9.09 -8.75 1.86
CA CYS A 467 9.36 -8.49 0.45
C CYS A 467 9.73 -7.03 0.23
N LEU A 468 9.05 -6.11 0.90
CA LEU A 468 9.39 -4.70 0.78
C LEU A 468 10.68 -4.37 1.53
N LEU A 469 10.90 -5.00 2.68
CA LEU A 469 12.17 -4.81 3.39
C LEU A 469 13.34 -5.32 2.57
N TRP A 470 13.12 -6.39 1.80
CA TRP A 470 14.17 -6.91 0.93
C TRP A 470 14.54 -5.90 -0.15
N VAL A 471 13.53 -5.29 -0.79
CA VAL A 471 13.80 -4.32 -1.84
C VAL A 471 14.37 -3.03 -1.27
N ALA A 472 13.85 -2.58 -0.13
CA ALA A 472 14.32 -1.34 0.47
C ALA A 472 15.78 -1.46 0.89
N PHE A 473 16.16 -2.60 1.45
CA PHE A 473 17.55 -2.79 1.87
C PHE A 473 18.51 -2.70 0.70
N PHE A 474 18.17 -3.34 -0.42
CA PHE A 474 19.09 -3.38 -1.55
C PHE A 474 19.12 -2.04 -2.30
N GLU A 475 18.01 -1.30 -2.28
CA GLU A 475 18.03 0.04 -2.86
C GLU A 475 18.97 0.95 -2.07
N CYS A 476 18.93 0.87 -0.75
CA CYS A 476 19.78 1.71 0.07
C CYS A 476 21.22 1.22 0.08
N PHE A 477 21.42 -0.10 0.07
CA PHE A 477 22.78 -0.65 0.11
C PHE A 477 23.56 -0.27 -1.14
N VAL A 478 22.93 -0.38 -2.31
CA VAL A 478 23.62 -0.07 -3.56
C VAL A 478 23.99 1.40 -3.61
N ILE A 479 23.07 2.28 -3.23
CA ILE A 479 23.32 3.72 -3.31
C ILE A 479 24.36 4.14 -2.29
N ALA A 480 24.22 3.68 -1.04
CA ALA A 480 25.07 4.15 0.04
C ALA A 480 26.44 3.50 0.06
N TRP A 481 26.54 2.21 -0.28
CA TRP A 481 27.77 1.47 -0.10
C TRP A 481 28.45 1.06 -1.41
N ILE A 482 27.76 1.10 -2.54
CA ILE A 482 28.33 0.78 -3.84
C ILE A 482 28.44 2.03 -4.71
N TYR A 483 27.30 2.68 -4.99
CA TYR A 483 27.34 3.92 -5.77
C TYR A 483 28.02 5.03 -4.98
N GLY A 484 27.74 5.13 -3.69
CA GLY A 484 28.35 6.14 -2.86
C GLY A 484 27.39 7.24 -2.44
N GLY A 485 27.25 7.45 -1.14
CA GLY A 485 26.40 8.53 -0.67
C GLY A 485 26.93 9.91 -1.07
N ASP A 486 28.25 10.08 -0.99
CA ASP A 486 28.85 11.36 -1.39
C ASP A 486 28.73 11.57 -2.90
N ASN A 487 28.87 10.49 -3.68
CA ASN A 487 28.72 10.62 -5.12
C ASN A 487 27.31 11.04 -5.50
N LEU A 488 26.30 10.50 -4.82
CA LEU A 488 24.93 10.91 -5.08
C LEU A 488 24.68 12.33 -4.58
N TYR A 489 25.26 12.69 -3.43
CA TYR A 489 25.08 14.04 -2.90
C TYR A 489 25.60 15.09 -3.85
N ASP A 490 26.69 14.79 -4.57
CA ASP A 490 27.15 15.69 -5.61
C ASP A 490 26.11 15.83 -6.72
N GLY A 491 25.45 14.72 -7.07
CA GLY A 491 24.37 14.80 -8.03
C GLY A 491 23.17 15.55 -7.48
N ILE A 492 22.84 15.33 -6.21
CA ILE A 492 21.71 16.02 -5.60
C ILE A 492 21.99 17.51 -5.49
N GLU A 493 23.24 17.89 -5.22
CA GLU A 493 23.59 19.30 -5.08
C GLU A 493 23.32 20.06 -6.37
N ASP A 494 23.65 19.45 -7.51
CA ASP A 494 23.35 20.09 -8.80
C ASP A 494 21.84 20.20 -9.02
N MET A 495 21.09 19.17 -8.63
CA MET A 495 19.65 19.15 -8.90
C MET A 495 18.89 20.10 -7.99
N ILE A 496 18.93 19.86 -6.67
CA ILE A 496 18.16 20.68 -5.75
C ILE A 496 18.82 22.01 -5.42
N GLY A 497 20.07 22.20 -5.81
CA GLY A 497 20.74 23.48 -5.67
C GLY A 497 21.61 23.62 -4.43
N TYR A 498 21.51 22.71 -3.48
CA TYR A 498 22.29 22.80 -2.26
C TYR A 498 22.58 21.40 -1.73
N ARG A 499 23.62 21.31 -0.90
CA ARG A 499 23.95 20.04 -0.27
C ARG A 499 22.97 19.76 0.86
N PRO A 500 22.27 18.62 0.84
CA PRO A 500 21.36 18.30 1.95
C PRO A 500 22.12 18.00 3.23
N GLY A 501 21.39 17.77 4.32
CA GLY A 501 22.01 17.40 5.56
C GLY A 501 22.44 15.95 5.57
N PRO A 502 23.09 15.55 6.67
CA PRO A 502 23.53 14.16 6.79
C PRO A 502 22.42 13.17 7.14
N TRP A 503 21.16 13.62 7.15
CA TRP A 503 20.06 12.73 7.49
C TRP A 503 19.90 11.64 6.44
N MET A 504 19.87 12.03 5.16
CA MET A 504 19.68 11.05 4.10
C MET A 504 20.89 10.11 3.99
N LYS A 505 22.09 10.67 4.12
CA LYS A 505 23.30 9.86 3.97
C LYS A 505 23.38 8.80 5.06
N TYR A 506 23.07 9.16 6.30
CA TYR A 506 23.15 8.20 7.39
C TYR A 506 21.99 7.21 7.38
N SER A 507 20.84 7.61 6.83
CA SER A 507 19.70 6.70 6.76
C SER A 507 19.93 5.62 5.72
N TRP A 508 20.42 6.01 4.55
CA TRP A 508 20.69 5.03 3.50
C TRP A 508 21.81 4.08 3.91
N ALA A 509 22.81 4.57 4.62
CA ALA A 509 23.99 3.78 4.95
C ALA A 509 23.83 2.93 6.19
N VAL A 510 23.19 3.46 7.23
CA VAL A 510 23.16 2.78 8.52
C VAL A 510 21.72 2.48 8.96
N ILE A 511 20.89 3.52 9.06
CA ILE A 511 19.61 3.39 9.73
C ILE A 511 18.69 2.42 8.98
N THR A 512 18.55 2.61 7.66
CA THR A 512 17.66 1.72 6.90
C THR A 512 18.16 0.29 6.85
N PRO A 513 19.45 0.01 6.53
CA PRO A 513 19.89 -1.40 6.52
C PRO A 513 19.73 -2.09 7.86
N VAL A 514 19.99 -1.37 8.96
CA VAL A 514 19.86 -1.96 10.29
C VAL A 514 18.41 -2.32 10.57
N LEU A 515 17.49 -1.39 10.27
CA LEU A 515 16.07 -1.65 10.50
C LEU A 515 15.57 -2.79 9.62
N CYS A 516 15.98 -2.81 8.35
CA CYS A 516 15.49 -3.83 7.43
C CYS A 516 16.06 -5.21 7.78
N VAL A 517 17.37 -5.29 8.04
CA VAL A 517 17.97 -6.58 8.35
C VAL A 517 17.66 -6.99 9.79
N GLY A 518 17.48 -6.00 10.67
CA GLY A 518 17.13 -6.32 12.05
C GLY A 518 15.74 -6.93 12.17
N CYS A 519 14.78 -6.37 11.44
CA CYS A 519 13.42 -6.91 11.47
C CYS A 519 13.37 -8.30 10.86
N PHE A 520 14.11 -8.52 9.77
CA PHE A 520 14.11 -9.83 9.12
C PHE A 520 14.68 -10.90 10.04
N ILE A 521 15.80 -10.61 10.71
CA ILE A 521 16.43 -11.60 11.58
C ILE A 521 15.53 -11.91 12.77
N PHE A 522 14.98 -10.88 13.41
CA PHE A 522 14.20 -11.10 14.62
C PHE A 522 12.86 -11.75 14.31
N SER A 523 12.29 -11.48 13.14
CA SER A 523 11.05 -12.15 12.76
C SER A 523 11.27 -13.65 12.58
N LEU A 524 12.40 -14.04 12.00
CA LEU A 524 12.69 -15.46 11.83
C LEU A 524 13.03 -16.12 13.17
N VAL A 525 13.75 -15.43 14.04
CA VAL A 525 14.10 -15.98 15.35
C VAL A 525 12.83 -16.20 16.17
N LYS A 526 11.96 -15.20 16.21
CA LYS A 526 10.68 -15.30 16.90
C LYS A 526 9.57 -15.31 15.85
N TYR A 527 9.26 -16.50 15.35
CA TYR A 527 8.34 -16.63 14.23
C TYR A 527 6.94 -16.95 14.74
N VAL A 528 6.00 -16.06 14.48
CA VAL A 528 4.58 -16.25 14.79
C VAL A 528 3.85 -16.42 13.46
N PRO A 529 3.23 -17.57 13.19
CA PRO A 529 2.54 -17.76 11.91
C PRO A 529 1.37 -16.80 11.76
N LEU A 530 1.10 -16.43 10.51
CA LEU A 530 0.00 -15.53 10.21
C LEU A 530 -1.32 -16.12 10.68
N THR A 531 -2.15 -15.29 11.29
CA THR A 531 -3.49 -15.67 11.72
C THR A 531 -4.49 -14.64 11.20
N TYR A 532 -5.73 -15.08 11.05
CA TYR A 532 -6.81 -14.21 10.61
C TYR A 532 -7.77 -13.97 11.76
N ASN A 533 -7.96 -12.70 12.13
CA ASN A 533 -8.87 -12.30 13.18
C ASN A 533 -8.54 -12.97 14.52
N LYS A 534 -7.24 -13.20 14.74
CA LYS A 534 -6.70 -13.65 16.02
C LYS A 534 -7.12 -15.07 16.39
N THR A 535 -7.96 -15.70 15.57
CA THR A 535 -8.45 -17.03 15.91
C THR A 535 -8.02 -18.07 14.86
N TYR A 536 -8.27 -17.77 13.59
CA TYR A 536 -8.02 -18.75 12.54
C TYR A 536 -6.52 -18.97 12.36
N VAL A 537 -6.13 -20.23 12.24
CA VAL A 537 -4.74 -20.63 12.06
C VAL A 537 -4.59 -21.19 10.65
N TYR A 538 -3.72 -20.57 9.86
CA TYR A 538 -3.55 -20.98 8.48
C TYR A 538 -2.88 -22.35 8.40
N PRO A 539 -3.22 -23.16 7.40
CA PRO A 539 -2.52 -24.42 7.19
C PRO A 539 -1.09 -24.19 6.73
N ASN A 540 -0.29 -25.25 6.78
CA ASN A 540 1.12 -25.15 6.40
C ASN A 540 1.27 -24.77 4.94
N TRP A 541 0.44 -25.36 4.06
CA TRP A 541 0.56 -25.05 2.64
C TRP A 541 0.16 -23.61 2.35
N ALA A 542 -0.83 -23.08 3.08
CA ALA A 542 -1.21 -21.69 2.92
C ALA A 542 -0.06 -20.75 3.29
N ILE A 543 0.63 -21.05 4.39
CA ILE A 543 1.81 -20.28 4.76
C ILE A 543 2.91 -20.46 3.72
N GLY A 544 3.11 -21.70 3.26
CA GLY A 544 4.08 -21.93 2.20
C GLY A 544 3.71 -21.23 0.91
N LEU A 545 2.41 -21.20 0.59
CA LEU A 545 1.95 -20.42 -0.56
C LEU A 545 2.21 -18.94 -0.35
N GLY A 546 1.98 -18.45 0.87
CA GLY A 546 2.25 -17.05 1.15
C GLY A 546 3.71 -16.69 1.00
N TRP A 547 4.59 -17.56 1.49
CA TRP A 547 6.03 -17.30 1.35
C TRP A 547 6.47 -17.34 -0.10
N SER A 548 5.79 -18.14 -0.94
CA SER A 548 6.11 -18.14 -2.36
C SER A 548 5.75 -16.82 -3.02
N LEU A 549 4.69 -16.16 -2.54
CA LEU A 549 4.36 -14.83 -3.04
C LEU A 549 5.47 -13.83 -2.70
N ALA A 550 6.00 -13.91 -1.49
CA ALA A 550 7.11 -13.02 -1.12
C ALA A 550 8.38 -13.38 -1.86
N LEU A 551 8.70 -14.67 -1.96
CA LEU A 551 9.93 -15.11 -2.61
C LEU A 551 9.86 -15.00 -4.13
N SER A 552 8.70 -14.76 -4.71
CA SER A 552 8.62 -14.58 -6.15
C SER A 552 9.39 -13.34 -6.59
N SER A 553 9.32 -12.26 -5.80
CA SER A 553 10.05 -11.04 -6.09
C SER A 553 11.39 -10.98 -5.37
N MET A 554 11.48 -11.56 -4.16
CA MET A 554 12.73 -11.53 -3.42
C MET A 554 13.84 -12.28 -4.15
N LEU A 555 13.49 -13.31 -4.91
CA LEU A 555 14.48 -14.08 -5.65
C LEU A 555 14.92 -13.39 -6.94
N CYS A 556 14.27 -12.30 -7.35
CA CYS A 556 14.67 -11.62 -8.57
C CYS A 556 16.01 -10.92 -8.41
N VAL A 557 16.30 -10.40 -7.23
CA VAL A 557 17.54 -9.68 -6.97
C VAL A 557 18.76 -10.60 -7.16
N PRO A 558 18.81 -11.80 -6.56
CA PRO A 558 19.99 -12.64 -6.78
C PRO A 558 19.99 -13.35 -8.12
N LEU A 559 18.82 -13.65 -8.69
CA LEU A 559 18.79 -14.34 -9.98
C LEU A 559 19.42 -13.50 -11.08
N VAL A 560 19.10 -12.21 -11.12
CA VAL A 560 19.67 -11.33 -12.14
C VAL A 560 21.17 -11.19 -11.95
N ILE A 561 21.63 -11.19 -10.69
CA ILE A 561 23.07 -11.17 -10.43
C ILE A 561 23.74 -12.39 -11.06
N VAL A 562 23.13 -13.56 -10.90
CA VAL A 562 23.66 -14.77 -11.52
C VAL A 562 23.62 -14.67 -13.04
N ILE A 563 22.51 -14.16 -13.57
CA ILE A 563 22.35 -14.04 -15.01
C ILE A 563 23.39 -13.06 -15.57
N ARG A 564 23.58 -11.93 -14.90
CA ARG A 564 24.51 -10.92 -15.39
C ARG A 564 25.94 -11.45 -15.41
N LEU A 565 26.33 -12.21 -14.38
CA LEU A 565 27.68 -12.75 -14.33
C LEU A 565 27.91 -13.75 -15.46
N CYS A 566 26.92 -14.59 -15.76
CA CYS A 566 27.07 -15.57 -16.82
C CYS A 566 27.22 -14.90 -18.18
N GLN A 567 26.45 -13.84 -18.43
CA GLN A 567 26.51 -13.16 -19.72
C GLN A 567 27.87 -12.51 -19.94
N THR A 568 28.40 -11.86 -18.91
CA THR A 568 29.69 -11.19 -19.04
C THR A 568 30.82 -12.21 -19.15
N GLU A 569 31.86 -11.84 -19.88
CA GLU A 569 32.99 -12.71 -20.15
C GLU A 569 34.24 -12.20 -19.44
N GLY A 570 35.14 -13.12 -19.13
CA GLY A 570 36.38 -12.79 -18.48
C GLY A 570 36.51 -13.41 -17.10
N PRO A 571 37.54 -13.01 -16.36
CA PRO A 571 37.69 -13.51 -14.99
C PRO A 571 36.55 -13.03 -14.10
N PHE A 572 36.30 -13.79 -13.04
CA PHE A 572 35.17 -13.49 -12.15
C PHE A 572 35.31 -12.11 -11.52
N LEU A 573 36.51 -11.77 -11.07
CA LEU A 573 36.73 -10.46 -10.46
C LEU A 573 36.50 -9.34 -11.46
N VAL A 574 36.93 -9.56 -12.71
CA VAL A 574 36.74 -8.55 -13.75
C VAL A 574 35.25 -8.38 -14.05
N ARG A 575 34.51 -9.49 -14.04
CA ARG A 575 33.08 -9.42 -14.31
C ARG A 575 32.36 -8.58 -13.25
N VAL A 576 32.67 -8.81 -11.97
CA VAL A 576 31.98 -8.09 -10.90
C VAL A 576 32.32 -6.60 -10.95
N LYS A 577 33.60 -6.28 -11.15
CA LYS A 577 34.00 -4.88 -11.21
C LYS A 577 33.37 -4.18 -12.40
N TYR A 578 33.31 -4.86 -13.55
CA TYR A 578 32.67 -4.28 -14.72
C TYR A 578 31.17 -4.05 -14.50
N LEU A 579 30.50 -5.00 -13.84
CA LEU A 579 29.06 -4.89 -13.64
C LEU A 579 28.68 -3.96 -12.50
N LEU A 580 29.66 -3.49 -11.72
CA LEU A 580 29.37 -2.53 -10.66
C LEU A 580 29.56 -1.08 -11.12
N THR A 581 30.31 -0.86 -12.19
CA THR A 581 30.54 0.49 -12.67
C THR A 581 29.25 1.08 -13.24
N PRO A 582 28.85 2.28 -12.82
CA PRO A 582 27.67 2.91 -13.41
C PRO A 582 27.88 3.20 -14.88
N ARG A 583 26.79 3.16 -15.64
CA ARG A 583 26.81 3.41 -17.07
C ARG A 583 26.19 4.77 -17.35
N GLU A 584 27.01 5.83 -17.25
CA GLU A 584 26.60 7.20 -17.52
C GLU A 584 25.28 7.53 -16.83
N PRO A 585 25.28 7.66 -15.50
CA PRO A 585 24.00 7.86 -14.79
C PRO A 585 23.25 9.11 -15.21
N ASN A 586 23.95 10.19 -15.57
CA ASN A 586 23.30 11.43 -15.99
C ASN A 586 23.70 11.84 -17.40
N ARG A 587 23.71 10.89 -18.34
CA ARG A 587 24.07 11.21 -19.72
C ARG A 587 23.07 12.15 -20.36
N TRP A 588 21.77 11.88 -20.17
CA TRP A 588 20.74 12.72 -20.77
C TRP A 588 20.75 14.12 -20.16
N ALA A 589 21.13 14.23 -18.88
CA ALA A 589 21.04 15.51 -18.19
C ALA A 589 21.99 16.53 -18.78
N VAL A 590 23.22 16.12 -19.12
CA VAL A 590 24.23 17.07 -19.56
C VAL A 590 23.92 17.62 -20.94
N GLU A 591 23.29 16.81 -21.81
CA GLU A 591 23.05 17.21 -23.19
C GLU A 591 21.67 17.79 -23.41
N ARG A 592 20.62 17.11 -22.93
CA ARG A 592 19.27 17.65 -23.06
C ARG A 592 19.10 18.92 -22.26
N GLU A 593 19.69 18.96 -21.06
CA GLU A 593 19.61 20.12 -20.19
C GLU A 593 21.01 20.56 -19.78
N GLY A 594 21.11 21.48 -18.82
CA GLY A 594 22.41 21.86 -18.29
C GLY A 594 22.76 21.06 -17.07
N ALA A 595 23.88 20.34 -17.13
CA ALA A 595 24.27 19.48 -16.02
C ALA A 595 25.77 19.22 -16.06
N THR A 596 26.31 18.83 -14.91
CA THR A 596 27.71 18.45 -14.77
C THR A 596 27.84 16.93 -14.88
N PRO A 597 28.71 16.42 -15.76
CA PRO A 597 28.82 14.98 -15.93
C PRO A 597 29.30 14.29 -14.65
N TYR A 598 28.80 13.09 -14.42
CA TYR A 598 29.16 12.32 -13.24
C TYR A 598 30.63 11.90 -13.31
N ASN A 599 31.29 11.96 -12.15
CA ASN A 599 32.69 11.56 -12.01
C ASN A 599 33.59 12.33 -12.98
N01 3S5 B . -1.35 0.08 -3.31
C02 3S5 B . -0.50 1.05 -3.57
N03 3S5 B . -0.89 2.10 -4.28
N04 3S5 B . 0.76 0.99 -3.13
C05 3S5 B . 1.31 -0.12 -2.38
C06 3S5 B . 2.79 0.04 -2.10
S07 3S5 B . 3.58 -1.46 -1.65
O08 3S5 B . 5.07 -1.05 -1.57
O09 3S5 B . 3.10 -1.83 -0.34
O10 3S5 B . 3.38 -2.39 -2.72
N01 3S5 C . 0.84 8.46 -1.49
C02 3S5 C . 0.67 7.39 -2.27
N03 3S5 C . 0.96 7.47 -3.55
N04 3S5 C . 0.20 6.26 -1.75
C05 3S5 C . 0.01 5.04 -2.51
C06 3S5 C . -0.46 3.89 -1.63
S07 3S5 C . -2.06 4.15 -0.93
O08 3S5 C . -2.94 4.46 -2.16
O09 3S5 C . -2.46 2.90 -0.34
O10 3S5 C . -1.96 5.31 -0.09
CL CL D . 0.27 5.27 6.57
#